data_8TE6
#
_entry.id   8TE6
#
_cell.length_a   31.826
_cell.length_b   50.280
_cell.length_c   60.975
_cell.angle_alpha   90.00
_cell.angle_beta   90.00
_cell.angle_gamma   90.00
#
_symmetry.space_group_name_H-M   'P 21 21 21'
#
loop_
_entity.id
_entity.type
_entity.pdbx_description
1 polymer 'V-set and immunoglobulin domain-containing protein 4'
2 water water
#
_entity_poly.entity_id   1
_entity_poly.type   'polypeptide(L)'
_entity_poly.pdbx_seq_one_letter_code
;GSTGSRPILEVPESVTGPWRGDVNLPCTYDPLQGYTQVLVRWLVQRGSDPVTIFLRDSSGDHIQQARYQGRLHVSHRVPG
DVSLQLSTLEMDDRSHYTCEVTWQTPDGNQVVRDRITELRVQK
;
_entity_poly.pdbx_strand_id   A
#
# COMPACT_ATOMS: atom_id res chain seq x y z
N SER A 5 10.96 -16.96 9.82
CA SER A 5 10.26 -17.75 8.81
C SER A 5 10.15 -16.99 7.49
N ARG A 6 9.01 -16.35 7.28
CA ARG A 6 8.74 -15.54 6.11
C ARG A 6 8.27 -14.18 6.58
N PRO A 7 8.35 -13.16 5.73
CA PRO A 7 7.96 -11.81 6.19
C PRO A 7 6.49 -11.76 6.57
N ILE A 8 6.18 -10.93 7.56
CA ILE A 8 4.83 -10.79 8.07
C ILE A 8 4.40 -9.33 7.89
N LEU A 9 3.37 -9.12 7.07
CA LEU A 9 2.84 -7.78 6.88
C LEU A 9 1.95 -7.39 8.05
N GLU A 10 2.08 -6.13 8.49
CA GLU A 10 1.27 -5.57 9.57
C GLU A 10 0.45 -4.43 8.99
N VAL A 11 -0.87 -4.61 8.95
CA VAL A 11 -1.80 -3.64 8.39
C VAL A 11 -3.00 -3.57 9.33
N PRO A 12 -3.31 -2.42 9.93
CA PRO A 12 -4.51 -2.34 10.77
C PRO A 12 -5.76 -2.67 9.98
N GLU A 13 -6.74 -3.26 10.68
CA GLU A 13 -7.98 -3.65 10.00
C GLU A 13 -8.75 -2.45 9.47
N SER A 14 -8.68 -1.31 10.16
CA SER A 14 -9.36 -0.12 9.70
C SER A 14 -8.60 1.11 10.16
N VAL A 15 -8.75 2.19 9.39
CA VAL A 15 -8.16 3.48 9.67
C VAL A 15 -9.23 4.51 9.39
N THR A 16 -9.28 5.57 10.19
CA THR A 16 -10.20 6.68 9.97
C THR A 16 -9.41 7.94 9.69
N GLY A 17 -9.78 8.64 8.62
CA GLY A 17 -9.15 9.89 8.26
C GLY A 17 -10.13 11.02 8.14
N PRO A 18 -9.63 12.25 8.19
CA PRO A 18 -10.50 13.43 8.16
C PRO A 18 -10.87 13.85 6.75
N TRP A 19 -12.17 14.08 6.51
CA TRP A 19 -12.63 14.65 5.26
C TRP A 19 -11.85 15.92 4.91
N ARG A 20 -11.35 15.98 3.68
CA ARG A 20 -10.52 17.05 3.13
C ARG A 20 -9.10 17.09 3.70
N GLY A 21 -8.80 16.23 4.66
CA GLY A 21 -7.48 16.15 5.26
C GLY A 21 -6.66 15.02 4.67
N ASP A 22 -5.69 14.57 5.44
CA ASP A 22 -4.74 13.57 4.98
C ASP A 22 -4.77 12.38 5.93
N VAL A 23 -4.38 11.21 5.43
CA VAL A 23 -4.35 10.00 6.23
C VAL A 23 -3.20 9.12 5.76
N ASN A 24 -2.66 8.34 6.69
CA ASN A 24 -1.71 7.28 6.41
C ASN A 24 -2.41 5.94 6.63
N LEU A 25 -2.30 5.05 5.63
CA LEU A 25 -2.74 3.67 5.78
C LEU A 25 -1.52 2.84 6.09
N PRO A 26 -1.31 2.41 7.32
CA PRO A 26 -0.05 1.75 7.64
C PRO A 26 0.07 0.39 6.99
N CYS A 27 1.27 0.11 6.48
CA CYS A 27 1.61 -1.21 5.97
C CYS A 27 3.10 -1.37 6.21
N THR A 28 3.46 -2.22 7.16
CA THR A 28 4.86 -2.35 7.55
C THR A 28 5.19 -3.82 7.78
N TYR A 29 6.49 -4.11 7.75
CA TYR A 29 7.00 -5.44 8.07
C TYR A 29 8.42 -5.30 8.59
N ASP A 30 8.85 -6.29 9.36
CA ASP A 30 10.23 -6.31 9.80
C ASP A 30 11.07 -7.00 8.72
N PRO A 31 12.09 -6.35 8.17
CA PRO A 31 12.88 -7.00 7.13
C PRO A 31 13.54 -8.28 7.64
N LEU A 32 13.71 -9.23 6.74
CA LEU A 32 14.28 -10.54 7.07
C LEU A 32 15.44 -10.83 6.12
N GLN A 33 16.51 -11.39 6.67
CA GLN A 33 17.67 -11.68 5.83
C GLN A 33 17.29 -12.69 4.75
N GLY A 34 17.81 -12.46 3.55
CA GLY A 34 17.50 -13.32 2.43
C GLY A 34 16.17 -13.07 1.76
N TYR A 35 15.48 -11.99 2.11
CA TYR A 35 14.24 -11.58 1.45
C TYR A 35 14.43 -10.16 0.92
N THR A 36 14.55 -10.03 -0.39
CA THR A 36 14.73 -8.73 -1.04
C THR A 36 13.37 -8.28 -1.56
N GLN A 37 12.98 -7.06 -1.20
CA GLN A 37 11.71 -6.53 -1.67
C GLN A 37 11.82 -6.20 -3.15
N VAL A 38 10.93 -6.77 -3.97
CA VAL A 38 10.96 -6.51 -5.41
C VAL A 38 9.69 -5.85 -5.93
N LEU A 39 8.58 -5.83 -5.20
CA LEU A 39 7.39 -5.17 -5.71
C LEU A 39 6.53 -4.74 -4.53
N VAL A 40 5.94 -3.55 -4.64
CA VAL A 40 4.87 -3.11 -3.76
C VAL A 40 3.71 -2.66 -4.63
N ARG A 41 2.49 -3.09 -4.30
CA ARG A 41 1.30 -2.57 -4.95
C ARG A 41 0.31 -2.17 -3.88
N TRP A 42 -0.40 -1.08 -4.13
CA TRP A 42 -1.60 -0.75 -3.38
C TRP A 42 -2.78 -0.80 -4.33
N LEU A 43 -3.86 -1.44 -3.87
CA LEU A 43 -5.07 -1.62 -4.65
C LEU A 43 -6.26 -1.08 -3.86
N VAL A 44 -7.32 -0.71 -4.57
CA VAL A 44 -8.56 -0.26 -3.92
C VAL A 44 -9.73 -1.06 -4.49
N GLN A 45 -10.69 -1.37 -3.63
CA GLN A 45 -11.89 -2.08 -4.05
C GLN A 45 -12.91 -1.08 -4.60
N ARG A 46 -13.41 -1.37 -5.80
CA ARG A 46 -14.45 -0.55 -6.41
C ARG A 46 -15.54 -1.44 -7.00
N GLY A 47 -15.28 -2.03 -8.17
CA GLY A 47 -16.28 -2.79 -8.87
C GLY A 47 -16.14 -4.30 -8.78
N SER A 48 -15.59 -4.91 -9.83
CA SER A 48 -15.48 -6.37 -9.91
C SER A 48 -14.06 -6.83 -10.18
N ASP A 49 -13.06 -6.00 -9.90
CA ASP A 49 -11.67 -6.42 -9.90
C ASP A 49 -10.90 -5.32 -9.22
N PRO A 50 -9.99 -5.63 -8.31
CA PRO A 50 -9.28 -4.56 -7.59
C PRO A 50 -8.56 -3.62 -8.54
N VAL A 51 -8.58 -2.34 -8.19
CA VAL A 51 -8.00 -1.28 -8.99
C VAL A 51 -6.58 -1.03 -8.49
N THR A 52 -5.61 -1.09 -9.38
CA THR A 52 -4.24 -0.79 -8.98
C THR A 52 -4.05 0.72 -8.94
N ILE A 53 -3.71 1.26 -7.77
CA ILE A 53 -3.51 2.69 -7.63
C ILE A 53 -2.05 3.10 -7.47
N PHE A 54 -1.16 2.16 -7.14
CA PHE A 54 0.24 2.47 -6.94
C PHE A 54 1.06 1.21 -7.14
N LEU A 55 2.24 1.36 -7.75
CA LEU A 55 3.19 0.27 -7.86
C LEU A 55 4.60 0.83 -7.67
N ARG A 56 5.43 0.10 -6.92
CA ARG A 56 6.85 0.41 -6.78
C ARG A 56 7.64 -0.82 -7.17
N ASP A 57 8.55 -0.67 -8.14
CA ASP A 57 9.38 -1.77 -8.62
C ASP A 57 10.78 -1.23 -8.90
N SER A 58 11.56 -1.99 -9.66
CA SER A 58 12.95 -1.62 -9.90
C SER A 58 13.10 -0.32 -10.68
N SER A 59 12.04 0.15 -11.35
CA SER A 59 12.10 1.40 -12.10
C SER A 59 11.53 2.57 -11.32
N GLY A 60 11.06 2.35 -10.11
CA GLY A 60 10.57 3.44 -9.28
C GLY A 60 9.09 3.35 -9.00
N ASP A 61 8.48 4.48 -8.71
CA ASP A 61 7.08 4.57 -8.32
C ASP A 61 6.20 4.91 -9.52
N HIS A 62 5.06 4.24 -9.62
CA HIS A 62 4.14 4.37 -10.74
C HIS A 62 2.74 4.62 -10.22
N ILE A 63 2.21 5.80 -10.52
CA ILE A 63 0.86 6.20 -10.15
C ILE A 63 0.22 6.64 -11.47
N GLN A 64 -0.52 5.73 -12.11
CA GLN A 64 -0.96 5.94 -13.49
C GLN A 64 -2.21 6.83 -13.61
N GLN A 65 -3.05 6.91 -12.58
CA GLN A 65 -4.33 7.58 -12.72
C GLN A 65 -4.21 9.05 -12.34
N ALA A 66 -4.78 9.93 -13.18
CA ALA A 66 -4.74 11.36 -12.90
C ALA A 66 -5.44 11.69 -11.58
N ARG A 67 -6.44 10.91 -11.18
CA ARG A 67 -7.14 11.21 -9.95
C ARG A 67 -6.25 11.02 -8.72
N TYR A 68 -5.15 10.26 -8.84
CA TYR A 68 -4.26 10.01 -7.72
C TYR A 68 -2.91 10.68 -7.83
N GLN A 69 -2.45 10.98 -9.06
CA GLN A 69 -1.15 11.59 -9.27
C GLN A 69 -1.11 12.94 -8.60
N GLY A 70 -0.28 13.10 -7.58
CA GLY A 70 -0.20 14.35 -6.85
C GLY A 70 -0.90 14.35 -5.51
N ARG A 71 -1.65 13.29 -5.18
CA ARG A 71 -2.26 13.20 -3.86
C ARG A 71 -2.03 11.85 -3.21
N LEU A 72 -1.19 11.00 -3.79
CA LEU A 72 -0.93 9.66 -3.27
C LEU A 72 0.57 9.51 -3.22
N HIS A 73 1.10 9.15 -2.05
CA HIS A 73 2.52 8.90 -1.88
C HIS A 73 2.69 7.70 -0.97
N VAL A 74 3.80 6.99 -1.12
CA VAL A 74 4.05 5.79 -0.34
C VAL A 74 5.38 5.95 0.38
N SER A 75 5.39 5.60 1.67
CA SER A 75 6.58 5.74 2.50
C SER A 75 7.76 4.98 1.90
N HIS A 76 8.97 5.50 2.15
CA HIS A 76 10.14 5.01 1.45
C HIS A 76 11.42 5.02 2.30
N ARG A 77 11.44 5.83 3.36
CA ARG A 77 12.70 6.11 4.06
C ARG A 77 13.16 4.97 4.95
N VAL A 78 12.24 4.28 5.62
CA VAL A 78 12.58 3.21 6.56
C VAL A 78 12.31 1.87 5.88
N PRO A 79 13.29 0.98 5.78
CA PRO A 79 13.03 -0.33 5.17
C PRO A 79 11.91 -1.05 5.91
N GLY A 80 10.98 -1.60 5.15
CA GLY A 80 9.84 -2.30 5.70
C GLY A 80 8.62 -1.44 5.91
N ASP A 81 8.69 -0.13 5.66
CA ASP A 81 7.55 0.75 5.80
C ASP A 81 7.08 1.18 4.41
N VAL A 82 5.94 0.63 3.99
CA VAL A 82 5.38 0.96 2.67
C VAL A 82 3.96 1.49 2.83
N SER A 83 3.75 2.28 3.88
CA SER A 83 2.46 2.86 4.19
C SER A 83 2.02 3.84 3.10
N LEU A 84 0.70 3.89 2.86
CA LEU A 84 0.12 4.75 1.83
C LEU A 84 -0.37 6.05 2.45
N GLN A 85 0.03 7.18 1.86
CA GLN A 85 -0.45 8.50 2.29
C GLN A 85 -1.38 9.04 1.22
N LEU A 86 -2.60 9.37 1.62
CA LEU A 86 -3.60 9.91 0.73
C LEU A 86 -3.98 11.29 1.24
N SER A 87 -3.92 12.30 0.38
CA SER A 87 -4.23 13.65 0.80
C SER A 87 -5.52 14.15 0.17
N THR A 88 -6.10 15.16 0.82
CA THR A 88 -7.40 15.74 0.49
C THR A 88 -8.48 14.65 0.32
N LEU A 89 -8.77 13.98 1.43
CA LEU A 89 -9.70 12.87 1.40
C LEU A 89 -11.09 13.29 0.93
N GLU A 90 -11.65 12.49 0.03
CA GLU A 90 -13.02 12.60 -0.44
C GLU A 90 -13.86 11.55 0.28
N MET A 91 -15.18 11.79 0.36
CA MET A 91 -16.03 10.78 0.96
C MET A 91 -15.96 9.47 0.18
N ASP A 92 -15.78 9.53 -1.15
CA ASP A 92 -15.69 8.28 -1.89
C ASP A 92 -14.31 7.64 -1.85
N ASP A 93 -13.37 8.20 -1.09
CA ASP A 93 -12.18 7.43 -0.75
C ASP A 93 -12.47 6.34 0.26
N ARG A 94 -13.63 6.35 0.91
CA ARG A 94 -14.03 5.25 1.78
C ARG A 94 -14.08 3.97 0.96
N SER A 95 -13.29 2.97 1.36
CA SER A 95 -13.24 1.71 0.64
C SER A 95 -12.28 0.77 1.35
N HIS A 96 -12.15 -0.45 0.84
CA HIS A 96 -11.11 -1.36 1.31
C HIS A 96 -9.91 -1.26 0.38
N TYR A 97 -8.73 -1.20 0.98
CA TYR A 97 -7.46 -1.04 0.28
C TYR A 97 -6.59 -2.25 0.58
N THR A 98 -5.83 -2.70 -0.40
CA THR A 98 -4.93 -3.84 -0.25
C THR A 98 -3.49 -3.36 -0.37
N CYS A 99 -2.66 -3.72 0.61
CA CYS A 99 -1.22 -3.55 0.54
C CYS A 99 -0.63 -4.90 0.19
N GLU A 100 0.18 -4.95 -0.87
CA GLU A 100 0.73 -6.20 -1.38
C GLU A 100 2.23 -6.02 -1.59
N VAL A 101 3.03 -6.90 -0.98
CA VAL A 101 4.48 -6.86 -1.09
C VAL A 101 4.97 -8.18 -1.62
N THR A 102 5.94 -8.14 -2.53
CA THR A 102 6.57 -9.32 -3.07
C THR A 102 8.06 -9.27 -2.73
N TRP A 103 8.60 -10.42 -2.30
CA TRP A 103 10.02 -10.55 -2.02
C TRP A 103 10.61 -11.65 -2.89
N GLN A 104 11.91 -11.55 -3.13
CA GLN A 104 12.66 -12.57 -3.85
C GLN A 104 13.69 -13.16 -2.89
N THR A 105 13.83 -14.47 -2.95
CA THR A 105 14.80 -15.18 -2.12
C THR A 105 16.02 -15.54 -2.96
N PRO A 106 17.12 -15.93 -2.31
CA PRO A 106 18.38 -16.17 -3.07
C PRO A 106 18.28 -17.26 -4.12
N ASP A 107 17.35 -18.20 -3.98
CA ASP A 107 17.14 -19.23 -5.00
C ASP A 107 16.38 -18.71 -6.21
N GLY A 108 15.96 -17.44 -6.20
CA GLY A 108 15.21 -16.88 -7.29
C GLY A 108 13.71 -17.03 -7.19
N ASN A 109 13.20 -17.65 -6.13
CA ASN A 109 11.75 -17.73 -5.95
C ASN A 109 11.22 -16.37 -5.48
N GLN A 110 9.93 -16.14 -5.73
CA GLN A 110 9.25 -14.95 -5.25
C GLN A 110 8.06 -15.35 -4.41
N VAL A 111 7.85 -14.61 -3.32
CA VAL A 111 6.73 -14.84 -2.40
C VAL A 111 5.96 -13.54 -2.23
N VAL A 112 4.63 -13.66 -2.22
CA VAL A 112 3.73 -12.51 -2.18
C VAL A 112 2.93 -12.57 -0.90
N ARG A 113 2.78 -11.42 -0.23
CA ARG A 113 1.90 -11.31 0.92
C ARG A 113 1.04 -10.06 0.74
N ASP A 114 -0.21 -10.15 1.19
CA ASP A 114 -1.08 -8.98 1.14
C ASP A 114 -1.96 -8.93 2.38
N ARG A 115 -2.51 -7.74 2.63
CA ARG A 115 -3.50 -7.55 3.69
C ARG A 115 -4.43 -6.42 3.26
N ILE A 116 -5.69 -6.51 3.70
CA ILE A 116 -6.72 -5.51 3.38
C ILE A 116 -6.98 -4.65 4.62
N THR A 117 -7.17 -3.35 4.40
CA THR A 117 -7.61 -2.42 5.43
C THR A 117 -8.82 -1.64 4.93
N GLU A 118 -9.65 -1.18 5.85
CA GLU A 118 -10.79 -0.34 5.49
C GLU A 118 -10.52 1.11 5.91
N LEU A 119 -10.63 2.04 4.97
CA LEU A 119 -10.52 3.46 5.26
C LEU A 119 -11.91 4.03 5.44
N ARG A 120 -12.15 4.66 6.58
CA ARG A 120 -13.35 5.43 6.82
C ARG A 120 -12.98 6.91 6.80
N VAL A 121 -13.89 7.74 6.31
CA VAL A 121 -13.66 9.17 6.16
C VAL A 121 -14.69 9.89 7.01
N GLN A 122 -14.20 10.77 7.89
CA GLN A 122 -15.00 11.36 8.95
C GLN A 122 -15.07 12.86 8.75
N LYS A 123 -16.27 13.42 8.82
CA LYS A 123 -16.41 14.87 8.85
C LYS A 123 -16.29 15.39 10.27
#